data_7N2E
# 
_entry.id   7N2E 
# 
_audit_conform.dict_name       mmcif_pdbx.dic 
_audit_conform.dict_version    5.392 
_audit_conform.dict_location   http://mmcif.pdb.org/dictionaries/ascii/mmcif_pdbx.dic 
# 
loop_
_database_2.database_id 
_database_2.database_code 
_database_2.pdbx_database_accession 
_database_2.pdbx_DOI 
PDB   7N2E         pdb_00007n2e 10.2210/pdb7n2e/pdb 
WWPDB D_1000254602 ?            ?                   
# 
loop_
_pdbx_audit_revision_history.ordinal 
_pdbx_audit_revision_history.data_content_type 
_pdbx_audit_revision_history.major_revision 
_pdbx_audit_revision_history.minor_revision 
_pdbx_audit_revision_history.revision_date 
1 'Structure model' 1 0 2022-06-01 
2 'Structure model' 1 1 2023-05-10 
3 'Structure model' 1 2 2024-05-22 
# 
_pdbx_audit_revision_details.ordinal             1 
_pdbx_audit_revision_details.revision_ordinal    1 
_pdbx_audit_revision_details.data_content_type   'Structure model' 
_pdbx_audit_revision_details.provider            repository 
_pdbx_audit_revision_details.type                'Initial release' 
_pdbx_audit_revision_details.description         ? 
_pdbx_audit_revision_details.details             ? 
# 
loop_
_pdbx_audit_revision_group.ordinal 
_pdbx_audit_revision_group.revision_ordinal 
_pdbx_audit_revision_group.data_content_type 
_pdbx_audit_revision_group.group 
1 2 'Structure model' 'Database references' 
2 3 'Structure model' 'Data collection'     
# 
loop_
_pdbx_audit_revision_category.ordinal 
_pdbx_audit_revision_category.revision_ordinal 
_pdbx_audit_revision_category.data_content_type 
_pdbx_audit_revision_category.category 
1 2 'Structure model' citation        
2 2 'Structure model' citation_author 
3 3 'Structure model' chem_comp_atom  
4 3 'Structure model' chem_comp_bond  
# 
loop_
_pdbx_audit_revision_item.ordinal 
_pdbx_audit_revision_item.revision_ordinal 
_pdbx_audit_revision_item.data_content_type 
_pdbx_audit_revision_item.item 
1  2 'Structure model' '_citation.country'                 
2  2 'Structure model' '_citation.journal_abbrev'          
3  2 'Structure model' '_citation.journal_id_CSD'          
4  2 'Structure model' '_citation.journal_id_ISSN'         
5  2 'Structure model' '_citation.journal_volume'          
6  2 'Structure model' '_citation.page_first'              
7  2 'Structure model' '_citation.page_last'               
8  2 'Structure model' '_citation.pdbx_database_id_DOI'    
9  2 'Structure model' '_citation.pdbx_database_id_PubMed' 
10 2 'Structure model' '_citation.title'                   
11 2 'Structure model' '_citation.year'                    
12 2 'Structure model' '_citation_author.identifier_ORCID' 
13 2 'Structure model' '_citation_author.name'             
# 
_pdbx_database_status.status_code                     REL 
_pdbx_database_status.status_code_sf                  REL 
_pdbx_database_status.status_code_mr                  ? 
_pdbx_database_status.entry_id                        7N2E 
_pdbx_database_status.recvd_initial_deposition_date   2021-05-29 
_pdbx_database_status.SG_entry                        N 
_pdbx_database_status.deposit_site                    RCSB 
_pdbx_database_status.process_site                    RCSB 
_pdbx_database_status.status_code_cs                  ? 
_pdbx_database_status.status_code_nmr_data            ? 
_pdbx_database_status.methods_development_category    ? 
_pdbx_database_status.pdb_format_compatible           Y 
# 
loop_
_audit_author.name 
_audit_author.pdbx_ordinal 
_audit_author.identifier_ORCID 
'Flores, M.D.'        1 0000-0002-4483-087X 
'Richards, L.S.'      2 0000-0002-1694-1652 
'Zee, C.T.'           3 0000-0002-6630-706X 
'Glynn, C.'           4 0000-0002-2197-2357 
'Gallagher-Jones, M.' 5 0000-0003-4227-917X 
'Sawaya, M.R.'        6 0000-0003-0874-9043 
# 
_citation.abstract                  ? 
_citation.abstract_id_CAS           ? 
_citation.book_id_ISBN              ? 
_citation.book_publisher            ? 
_citation.book_publisher_city       ? 
_citation.book_title                ? 
_citation.coordinate_linkage        ? 
_citation.country                   US 
_citation.database_id_Medline       ? 
_citation.details                   ? 
_citation.id                        primary 
_citation.journal_abbrev            'Acs Bio Med Chem Au' 
_citation.journal_id_ASTM           ? 
_citation.journal_id_CSD            ? 
_citation.journal_id_ISSN           2694-2437 
_citation.journal_full              ? 
_citation.journal_issue             ? 
_citation.journal_volume            3 
_citation.language                  ? 
_citation.page_first                201 
_citation.page_last                 210 
_citation.title                     'Fragment-Based Ab Initio Phasing of Peptidic Nanocrystals by MicroED.' 
_citation.year                      2023 
_citation.database_id_CSD           ? 
_citation.pdbx_database_id_DOI      10.1021/acsbiomedchemau.2c00082 
_citation.pdbx_database_id_PubMed   37096030 
_citation.pdbx_database_id_patent   ? 
_citation.unpublished_flag          ? 
# 
loop_
_citation_author.citation_id 
_citation_author.name 
_citation_author.ordinal 
_citation_author.identifier_ORCID 
primary 'Richards, L.S.'      1  ?                   
primary 'Flores, M.D.'        2  ?                   
primary 'Millan, C.'          3  ?                   
primary 'Glynn, C.'           4  ?                   
primary 'Zee, C.T.'           5  ?                   
primary 'Sawaya, M.R.'        6  0000-0003-0874-9043 
primary 'Gallagher-Jones, M.' 7  ?                   
primary 'Borges, R.J.'        8  ?                   
primary 'Uson, I.'            9  ?                   
primary 'Rodriguez, J.A.'     10 0000-0002-0248-4964 
# 
_entity.id                         1 
_entity.type                       polymer 
_entity.src_method                 syn 
_entity.pdbx_description           CPEB3 
_entity.formula_weight             857.951 
_entity.pdbx_number_of_molecules   1 
_entity.pdbx_ec                    ? 
_entity.pdbx_mutation              ? 
_entity.pdbx_fragment              'residues 154-161' 
_entity.details                    ? 
# 
_entity_poly.entity_id                      1 
_entity_poly.type                           'polypeptide(L)' 
_entity_poly.nstd_linkage                   no 
_entity_poly.nstd_monomer                   no 
_entity_poly.pdbx_seq_one_letter_code       QIGLAQTQ 
_entity_poly.pdbx_seq_one_letter_code_can   QIGLAQTQ 
_entity_poly.pdbx_strand_id                 C 
_entity_poly.pdbx_target_identifier         ? 
# 
loop_
_entity_poly_seq.entity_id 
_entity_poly_seq.num 
_entity_poly_seq.mon_id 
_entity_poly_seq.hetero 
1 1 GLN n 
1 2 ILE n 
1 3 GLY n 
1 4 LEU n 
1 5 ALA n 
1 6 GLN n 
1 7 THR n 
1 8 GLN n 
# 
_pdbx_entity_src_syn.entity_id              1 
_pdbx_entity_src_syn.pdbx_src_id            1 
_pdbx_entity_src_syn.pdbx_alt_source_flag   sample 
_pdbx_entity_src_syn.pdbx_beg_seq_num       1 
_pdbx_entity_src_syn.pdbx_end_seq_num       8 
_pdbx_entity_src_syn.organism_scientific    'Homo sapiens' 
_pdbx_entity_src_syn.organism_common_name   ? 
_pdbx_entity_src_syn.ncbi_taxonomy_id       9606 
_pdbx_entity_src_syn.details                ? 
# 
loop_
_chem_comp.id 
_chem_comp.type 
_chem_comp.mon_nstd_flag 
_chem_comp.name 
_chem_comp.pdbx_synonyms 
_chem_comp.formula 
_chem_comp.formula_weight 
ALA 'L-peptide linking' y ALANINE    ? 'C3 H7 N O2'   89.093  
GLN 'L-peptide linking' y GLUTAMINE  ? 'C5 H10 N2 O3' 146.144 
GLY 'peptide linking'   y GLYCINE    ? 'C2 H5 N O2'   75.067  
ILE 'L-peptide linking' y ISOLEUCINE ? 'C6 H13 N O2'  131.173 
LEU 'L-peptide linking' y LEUCINE    ? 'C6 H13 N O2'  131.173 
THR 'L-peptide linking' y THREONINE  ? 'C4 H9 N O3'   119.119 
# 
loop_
_pdbx_poly_seq_scheme.asym_id 
_pdbx_poly_seq_scheme.entity_id 
_pdbx_poly_seq_scheme.seq_id 
_pdbx_poly_seq_scheme.mon_id 
_pdbx_poly_seq_scheme.ndb_seq_num 
_pdbx_poly_seq_scheme.pdb_seq_num 
_pdbx_poly_seq_scheme.auth_seq_num 
_pdbx_poly_seq_scheme.pdb_mon_id 
_pdbx_poly_seq_scheme.auth_mon_id 
_pdbx_poly_seq_scheme.pdb_strand_id 
_pdbx_poly_seq_scheme.pdb_ins_code 
_pdbx_poly_seq_scheme.hetero 
A 1 1 GLN 1 194 194 GLN GLN C . n 
A 1 2 ILE 2 195 195 ILE ILE C . n 
A 1 3 GLY 3 196 196 GLY GLY C . n 
A 1 4 LEU 4 197 197 LEU LEU C . n 
A 1 5 ALA 5 198 198 ALA ALA C . n 
A 1 6 GLN 6 199 199 GLN GLN C . n 
A 1 7 THR 7 200 200 THR THR C . n 
A 1 8 GLN 8 201 201 GLN GLN C . n 
# 
loop_
_software.citation_id 
_software.classification 
_software.compiler_name 
_software.compiler_version 
_software.contact_author 
_software.contact_author_email 
_software.date 
_software.description 
_software.dependencies 
_software.hardware 
_software.language 
_software.location 
_software.mods 
_software.name 
_software.os 
_software.os_version 
_software.type 
_software.version 
_software.pdbx_ordinal 
? 'data reduction'  ? ? 'Wolfgang Kabsch' Wolfgang.Kabsch@mpimf-heidelberg.mpg.de ?               ? ? ? ?   
http://www.mpimf-heidelberg.mpg.de/~kabsch/xds/                             ? XDS         ? ? package .    1 
? 'data scaling'    ? ? 'Wolfgang Kabsch' ?                                       ?               ? ? ? ?   
http://www.mpimf-heidelberg.mpg.de/~kabsch/xds/html_doc/xscale_program.html ? XSCALE      ? ? package .    2 
? refinement        ? ? 'Paul D. Adams'   PDAdams@lbl.gov                         ?               ? ? ? C++ 
http://www.phenix-online.org/                                               ? PHENIX      ? ? package .    3 
? 'data extraction' ? ? PDB               deposit@deposit.rcsb.org                'Oct. 31, 2020' ? ? ? C++ 
http://sw-tools.pdb.org/apps/PDB_EXTRACT/                                   ? PDB_EXTRACT ? ? package 3.27 4 
# 
_cell.angle_alpha                  90.000 
_cell.angle_alpha_esd              ? 
_cell.angle_beta                   94.610 
_cell.angle_beta_esd               ? 
_cell.angle_gamma                  90.000 
_cell.angle_gamma_esd              ? 
_cell.entry_id                     7N2E 
_cell.details                      ? 
_cell.formula_units_Z              ? 
_cell.length_a                     4.830 
_cell.length_a_esd                 ? 
_cell.length_b                     16.290 
_cell.length_b_esd                 ? 
_cell.length_c                     29.020 
_cell.length_c_esd                 ? 
_cell.volume                       ? 
_cell.volume_esd                   ? 
_cell.Z_PDB                        2 
_cell.reciprocal_angle_alpha       ? 
_cell.reciprocal_angle_beta        ? 
_cell.reciprocal_angle_gamma       ? 
_cell.reciprocal_angle_alpha_esd   ? 
_cell.reciprocal_angle_beta_esd    ? 
_cell.reciprocal_angle_gamma_esd   ? 
_cell.reciprocal_length_a          ? 
_cell.reciprocal_length_b          ? 
_cell.reciprocal_length_c          ? 
_cell.reciprocal_length_a_esd      ? 
_cell.reciprocal_length_b_esd      ? 
_cell.reciprocal_length_c_esd      ? 
_cell.pdbx_unique_axis             ? 
# 
_symmetry.entry_id                         7N2E 
_symmetry.cell_setting                     ? 
_symmetry.Int_Tables_number                4 
_symmetry.space_group_name_Hall            ? 
_symmetry.space_group_name_H-M             'P 1 21 1' 
_symmetry.pdbx_full_space_group_name_H-M   ? 
# 
_exptl.absorpt_coefficient_mu     ? 
_exptl.absorpt_correction_T_max   ? 
_exptl.absorpt_correction_T_min   ? 
_exptl.absorpt_correction_type    ? 
_exptl.absorpt_process_details    ? 
_exptl.entry_id                   7N2E 
_exptl.crystals_number            ? 
_exptl.details                    ? 
_exptl.method                     'ELECTRON CRYSTALLOGRAPHY' 
_exptl.method_details             ? 
# 
_exptl_crystal.colour                      ? 
_exptl_crystal.density_diffrn              ? 
_exptl_crystal.density_Matthews            ? 
_exptl_crystal.density_method              ? 
_exptl_crystal.density_percent_sol         ? 
_exptl_crystal.description                 ? 
_exptl_crystal.F_000                       ? 
_exptl_crystal.id                          1 
_exptl_crystal.preparation                 ? 
_exptl_crystal.size_max                    ? 
_exptl_crystal.size_mid                    ? 
_exptl_crystal.size_min                    ? 
_exptl_crystal.size_rad                    ? 
_exptl_crystal.colour_lustre               ? 
_exptl_crystal.colour_modifier             ? 
_exptl_crystal.colour_primary              ? 
_exptl_crystal.density_meas                ? 
_exptl_crystal.density_meas_esd            ? 
_exptl_crystal.density_meas_gt             ? 
_exptl_crystal.density_meas_lt             ? 
_exptl_crystal.density_meas_temp           ? 
_exptl_crystal.density_meas_temp_esd       ? 
_exptl_crystal.density_meas_temp_gt        ? 
_exptl_crystal.density_meas_temp_lt        ? 
_exptl_crystal.pdbx_crystal_image_url      ? 
_exptl_crystal.pdbx_crystal_image_format   ? 
_exptl_crystal.pdbx_mosaicity              ? 
_exptl_crystal.pdbx_mosaicity_esd          ? 
# 
_diffrn.ambient_environment              ? 
_diffrn.ambient_temp                     ? 
_diffrn.ambient_temp_details             ? 
_diffrn.ambient_temp_esd                 ? 
_diffrn.crystal_id                       1 
_diffrn.crystal_support                  ? 
_diffrn.crystal_treatment                ? 
_diffrn.details                          ? 
_diffrn.id                               1 
_diffrn.ambient_pressure                 ? 
_diffrn.ambient_pressure_esd             ? 
_diffrn.ambient_pressure_gt              ? 
_diffrn.ambient_pressure_lt              ? 
_diffrn.ambient_temp_gt                  ? 
_diffrn.ambient_temp_lt                  ? 
_diffrn.pdbx_serial_crystal_experiment   ? 
# 
_diffrn_radiation.collimation                      ? 
_diffrn_radiation.diffrn_id                        1 
_diffrn_radiation.filter_edge                      ? 
_diffrn_radiation.inhomogeneity                    ? 
_diffrn_radiation.monochromator                    ? 
_diffrn_radiation.polarisn_norm                    ? 
_diffrn_radiation.polarisn_ratio                   ? 
_diffrn_radiation.probe                            ? 
_diffrn_radiation.type                             ? 
_diffrn_radiation.xray_symbol                      ? 
_diffrn_radiation.wavelength_id                    1 
_diffrn_radiation.pdbx_monochromatic_or_laue_m_l   ? 
_diffrn_radiation.pdbx_wavelength_list             ? 
_diffrn_radiation.pdbx_wavelength                  ? 
_diffrn_radiation.pdbx_diffrn_protocol             ? 
_diffrn_radiation.pdbx_analyzer                    ? 
_diffrn_radiation.pdbx_scattering_type             electron 
# 
_diffrn_radiation_wavelength.id           1 
_diffrn_radiation_wavelength.wavelength   . 
_diffrn_radiation_wavelength.wt           1.0 
# 
_reflns.B_iso_Wilson_estimate                          6.410 
_reflns.entry_id                                       7N2E 
_reflns.data_reduction_details                         ? 
_reflns.data_reduction_method                          ? 
_reflns.d_resolution_high                              1.000 
_reflns.d_resolution_low                               7.097 
_reflns.details                                        ? 
_reflns.limit_h_max                                    ? 
_reflns.limit_h_min                                    ? 
_reflns.limit_k_max                                    ? 
_reflns.limit_k_min                                    ? 
_reflns.limit_l_max                                    ? 
_reflns.limit_l_min                                    ? 
_reflns.number_all                                     ? 
_reflns.number_obs                                     1976 
_reflns.observed_criterion                             ? 
_reflns.observed_criterion_F_max                       ? 
_reflns.observed_criterion_F_min                       ? 
_reflns.observed_criterion_I_max                       ? 
_reflns.observed_criterion_I_min                       ? 
_reflns.observed_criterion_sigma_F                     ? 
_reflns.observed_criterion_sigma_I                     ? 
_reflns.percent_possible_obs                           79.600 
_reflns.R_free_details                                 ? 
_reflns.Rmerge_F_all                                   ? 
_reflns.Rmerge_F_obs                                   ? 
_reflns.Friedel_coverage                               ? 
_reflns.number_gt                                      ? 
_reflns.threshold_expression                           ? 
_reflns.pdbx_redundancy                                5.861 
_reflns.pdbx_Rmerge_I_obs                              0.152 
_reflns.pdbx_Rmerge_I_all                              ? 
_reflns.pdbx_Rsym_value                                ? 
_reflns.pdbx_netI_over_av_sigmaI                       ? 
_reflns.pdbx_netI_over_sigmaI                          7.240 
_reflns.pdbx_res_netI_over_av_sigmaI_2                 ? 
_reflns.pdbx_res_netI_over_sigmaI_2                    ? 
_reflns.pdbx_chi_squared                               0.946 
_reflns.pdbx_scaling_rejects                           8 
_reflns.pdbx_d_res_high_opt                            ? 
_reflns.pdbx_d_res_low_opt                             ? 
_reflns.pdbx_d_res_opt_method                          ? 
_reflns.phase_calculation_details                      ? 
_reflns.pdbx_Rrim_I_all                                0.167 
_reflns.pdbx_Rpim_I_all                                ? 
_reflns.pdbx_d_opt                                     ? 
_reflns.pdbx_number_measured_all                       11581 
_reflns.pdbx_diffrn_id                                 1 
_reflns.pdbx_ordinal                                   1 
_reflns.pdbx_CC_half                                   0.988 
_reflns.pdbx_CC_star                                   ? 
_reflns.pdbx_R_split                                   ? 
_reflns.pdbx_aniso_diffraction_limit_axis_1_ortho[1]   ? 
_reflns.pdbx_aniso_diffraction_limit_axis_1_ortho[2]   ? 
_reflns.pdbx_aniso_diffraction_limit_axis_1_ortho[3]   ? 
_reflns.pdbx_aniso_diffraction_limit_axis_2_ortho[1]   ? 
_reflns.pdbx_aniso_diffraction_limit_axis_2_ortho[2]   ? 
_reflns.pdbx_aniso_diffraction_limit_axis_2_ortho[3]   ? 
_reflns.pdbx_aniso_diffraction_limit_axis_3_ortho[1]   ? 
_reflns.pdbx_aniso_diffraction_limit_axis_3_ortho[2]   ? 
_reflns.pdbx_aniso_diffraction_limit_axis_3_ortho[3]   ? 
_reflns.pdbx_aniso_diffraction_limit_1                 ? 
_reflns.pdbx_aniso_diffraction_limit_2                 ? 
_reflns.pdbx_aniso_diffraction_limit_3                 ? 
_reflns.pdbx_aniso_B_tensor_eigenvector_1_ortho[1]     ? 
_reflns.pdbx_aniso_B_tensor_eigenvector_1_ortho[2]     ? 
_reflns.pdbx_aniso_B_tensor_eigenvector_1_ortho[3]     ? 
_reflns.pdbx_aniso_B_tensor_eigenvector_2_ortho[1]     ? 
_reflns.pdbx_aniso_B_tensor_eigenvector_2_ortho[2]     ? 
_reflns.pdbx_aniso_B_tensor_eigenvector_2_ortho[3]     ? 
_reflns.pdbx_aniso_B_tensor_eigenvector_3_ortho[1]     ? 
_reflns.pdbx_aniso_B_tensor_eigenvector_3_ortho[2]     ? 
_reflns.pdbx_aniso_B_tensor_eigenvector_3_ortho[3]     ? 
_reflns.pdbx_aniso_B_tensor_eigenvalue_1               ? 
_reflns.pdbx_aniso_B_tensor_eigenvalue_2               ? 
_reflns.pdbx_aniso_B_tensor_eigenvalue_3               ? 
_reflns.pdbx_orthogonalization_convention              ? 
_reflns.pdbx_percent_possible_ellipsoidal              ? 
_reflns.pdbx_percent_possible_spherical                ? 
_reflns.pdbx_percent_possible_ellipsoidal_anomalous    ? 
_reflns.pdbx_percent_possible_spherical_anomalous      ? 
_reflns.pdbx_redundancy_anomalous                      ? 
_reflns.pdbx_CC_half_anomalous                         ? 
_reflns.pdbx_absDiff_over_sigma_anomalous              ? 
_reflns.pdbx_percent_possible_anomalous                ? 
_reflns.pdbx_observed_signal_threshold                 ? 
_reflns.pdbx_signal_type                               ? 
_reflns.pdbx_signal_details                            ? 
_reflns.pdbx_signal_software_id                        ? 
# 
loop_
_reflns_shell.d_res_high 
_reflns_shell.d_res_low 
_reflns_shell.meanI_over_sigI_all 
_reflns_shell.meanI_over_sigI_obs 
_reflns_shell.number_measured_all 
_reflns_shell.number_measured_obs 
_reflns_shell.number_possible 
_reflns_shell.number_unique_all 
_reflns_shell.number_unique_obs 
_reflns_shell.percent_possible_all 
_reflns_shell.percent_possible_obs 
_reflns_shell.Rmerge_F_all 
_reflns_shell.Rmerge_F_obs 
_reflns_shell.Rmerge_I_all 
_reflns_shell.Rmerge_I_obs 
_reflns_shell.meanI_over_sigI_gt 
_reflns_shell.meanI_over_uI_all 
_reflns_shell.meanI_over_uI_gt 
_reflns_shell.number_measured_gt 
_reflns_shell.number_unique_gt 
_reflns_shell.percent_possible_gt 
_reflns_shell.Rmerge_F_gt 
_reflns_shell.Rmerge_I_gt 
_reflns_shell.pdbx_redundancy 
_reflns_shell.pdbx_Rsym_value 
_reflns_shell.pdbx_chi_squared 
_reflns_shell.pdbx_netI_over_sigmaI_all 
_reflns_shell.pdbx_netI_over_sigmaI_obs 
_reflns_shell.pdbx_Rrim_I_all 
_reflns_shell.pdbx_Rpim_I_all 
_reflns_shell.pdbx_rejects 
_reflns_shell.pdbx_ordinal 
_reflns_shell.pdbx_diffrn_id 
_reflns_shell.pdbx_CC_half 
_reflns_shell.pdbx_CC_star 
_reflns_shell.pdbx_R_split 
_reflns_shell.pdbx_percent_possible_ellipsoidal 
_reflns_shell.pdbx_percent_possible_spherical 
_reflns_shell.pdbx_percent_possible_ellipsoidal_anomalous 
_reflns_shell.pdbx_percent_possible_spherical_anomalous 
_reflns_shell.pdbx_redundancy_anomalous 
_reflns_shell.pdbx_CC_half_anomalous 
_reflns_shell.pdbx_absDiff_over_sigma_anomalous 
_reflns_shell.pdbx_percent_possible_anomalous 
1.000 1.030 ? 3.400  ? 699 163 ? 132 81.000 ? ? ? ? 0.323 ? ? ? ? ? ? ? ? 5.295 ? ? ? ? 0.358 ? ? 1  1 0.916 ? ? ? ? ? ? ? ? ? ? 
1.030 1.050 ? 4.720  ? 811 166 ? 136 81.900 ? ? ? ? 0.214 ? ? ? ? ? ? ? ? 5.963 ? ? ? ? 0.235 ? ? 2  1 0.980 ? ? ? ? ? ? ? ? ? ? 
1.050 1.080 ? 5.240  ? 834 175 ? 138 78.900 ? ? ? ? 0.203 ? ? ? ? ? ? ? ? 6.043 ? ? ? ? 0.222 ? ? 3  1 0.985 ? ? ? ? ? ? ? ? ? ? 
1.080 1.120 ? 5.660  ? 860 175 ? 141 80.600 ? ? ? ? 0.194 ? ? ? ? ? ? ? ? 6.099 ? ? ? ? 0.212 ? ? 4  1 0.980 ? ? ? ? ? ? ? ? ? ? 
1.120 1.150 ? 7.000  ? 912 168 ? 138 82.100 ? ? ? ? 0.174 ? ? ? ? ? ? ? ? 6.609 ? ? ? ? 0.188 ? ? 5  1 0.969 ? ? ? ? ? ? ? ? ? ? 
1.150 1.200 ? 6.480  ? 941 181 ? 146 80.700 ? ? ? ? 0.227 ? ? ? ? ? ? ? ? 6.445 ? ? ? ? 0.247 ? ? 6  1 0.960 ? ? ? ? ? ? ? ? ? ? 
1.200 1.240 ? 6.110  ? 604 145 ? 117 80.700 ? ? ? ? 0.192 ? ? ? ? ? ? ? ? 5.162 ? ? ? ? 0.214 ? ? 7  1 0.968 ? ? ? ? ? ? ? ? ? ? 
1.240 1.290 ? 6.610  ? 548 137 ? 107 78.100 ? ? ? ? 0.163 ? ? ? ? ? ? ? ? 5.121 ? ? ? ? 0.182 ? ? 8  1 0.974 ? ? ? ? ? ? ? ? ? ? 
1.290 1.350 ? 7.610  ? 573 128 ? 100 78.100 ? ? ? ? 0.154 ? ? ? ? ? ? ? ? 5.730 ? ? ? ? 0.170 ? ? 9  1 0.991 ? ? ? ? ? ? ? ? ? ? 
1.350 1.410 ? 6.890  ? 616 138 ? 108 78.300 ? ? ? ? 0.192 ? ? ? ? ? ? ? ? 5.704 ? ? ? ? 0.211 ? ? 10 1 0.957 ? ? ? ? ? ? ? ? ? ? 
1.410 1.490 ? 7.600  ? 722 134 ? 112 83.600 ? ? ? ? 0.173 ? ? ? ? ? ? ? ? 6.446 ? ? ? ? 0.188 ? ? 11 1 0.984 ? ? ? ? ? ? ? ? ? ? 
1.490 1.580 ? 9.820  ? 779 141 ? 115 81.600 ? ? ? ? 0.174 ? ? ? ? ? ? ? ? 6.774 ? ? ? ? 0.188 ? ? 12 1 0.965 ? ? ? ? ? ? ? ? ? ? 
1.580 1.690 ? 9.040  ? 458 109 ? 87  79.800 ? ? ? ? 0.143 ? ? ? ? ? ? ? ? 5.264 ? ? ? ? 0.158 ? ? 13 1 0.981 ? ? ? ? ? ? ? ? ? ? 
1.690 1.830 ? 8.530  ? 328 90  ? 68  75.600 ? ? ? ? 0.143 ? ? ? ? ? ? ? ? 4.824 ? ? ? ? 0.160 ? ? 14 1 0.985 ? ? ? ? ? ? ? ? ? ? 
1.830 2.000 ? 9.630  ? 394 96  ? 74  77.100 ? ? ? ? 0.132 ? ? ? ? ? ? ? ? 5.324 ? ? ? ? 0.145 ? ? 15 1 0.991 ? ? ? ? ? ? ? ? ? ? 
2.000 2.240 ? 10.900 ? 515 105 ? 82  78.100 ? ? ? ? 0.129 ? ? ? ? ? ? ? ? 6.280 ? ? ? ? 0.143 ? ? 16 1 0.988 ? ? ? ? ? ? ? ? ? ? 
2.240 2.580 ? 11.440 ? 410 81  ? 63  77.800 ? ? ? ? 0.156 ? ? ? ? ? ? ? ? 6.508 ? ? ? ? 0.171 ? ? 17 1 0.985 ? ? ? ? ? ? ? ? ? ? 
2.580 3.160 ? 10.070 ? 222 60  ? 46  76.700 ? ? ? ? 0.103 ? ? ? ? ? ? ? ? 4.826 ? ? ? ? 0.113 ? ? 18 1 0.999 ? ? ? ? ? ? ? ? ? ? 
3.160 4.470 ? 10.750 ? 267 60  ? 51  85.000 ? ? ? ? 0.112 ? ? ? ? ? ? ? ? 5.235 ? ? ? ? 0.128 ? ? 19 1 0.974 ? ? ? ? ? ? ? ? ? ? 
4.470 7.097 ? 11.110 ? 88  29  ? 15  51.700 ? ? ? ? 0.116 ? ? ? ? ? ? ? ? 5.867 ? ? ? ? 0.123 ? ? 20 1 0.996 ? ? ? ? ? ? ? ? ? ? 
# 
_refine.aniso_B[1][1]                            ? 
_refine.aniso_B[1][2]                            ? 
_refine.aniso_B[1][3]                            ? 
_refine.aniso_B[2][2]                            ? 
_refine.aniso_B[2][3]                            ? 
_refine.aniso_B[3][3]                            ? 
_refine.B_iso_max                                11.000 
_refine.B_iso_mean                               3.4905 
_refine.B_iso_min                                0.400 
_refine.correlation_coeff_Fo_to_Fc               ? 
_refine.correlation_coeff_Fo_to_Fc_free          ? 
_refine.details                                  ? 
_refine.diff_density_max                         ? 
_refine.diff_density_max_esd                     ? 
_refine.diff_density_min                         ? 
_refine.diff_density_min_esd                     ? 
_refine.diff_density_rms                         ? 
_refine.diff_density_rms_esd                     ? 
_refine.entry_id                                 7N2E 
_refine.pdbx_refine_id                           'ELECTRON CRYSTALLOGRAPHY' 
_refine.ls_abs_structure_details                 ? 
_refine.ls_abs_structure_Flack                   ? 
_refine.ls_abs_structure_Flack_esd               ? 
_refine.ls_abs_structure_Rogers                  ? 
_refine.ls_abs_structure_Rogers_esd              ? 
_refine.ls_d_res_high                            1.0000 
_refine.ls_d_res_low                             7.0970 
_refine.ls_extinction_coef                       ? 
_refine.ls_extinction_coef_esd                   ? 
_refine.ls_extinction_expression                 ? 
_refine.ls_extinction_method                     ? 
_refine.ls_goodness_of_fit_all                   ? 
_refine.ls_goodness_of_fit_all_esd               ? 
_refine.ls_goodness_of_fit_obs                   ? 
_refine.ls_goodness_of_fit_obs_esd               ? 
_refine.ls_hydrogen_treatment                    ? 
_refine.ls_matrix_type                           ? 
_refine.ls_number_constraints                    ? 
_refine.ls_number_parameters                     ? 
_refine.ls_number_reflns_all                     ? 
_refine.ls_number_reflns_obs                     1959 
_refine.ls_number_reflns_R_free                  197 
_refine.ls_number_reflns_R_work                  1762 
_refine.ls_number_restraints                     ? 
_refine.ls_percent_reflns_obs                    79.2200 
_refine.ls_percent_reflns_R_free                 10.0600 
_refine.ls_R_factor_all                          ? 
_refine.ls_R_factor_obs                          0.1883 
_refine.ls_R_factor_R_free                       0.2092 
_refine.ls_R_factor_R_free_error                 ? 
_refine.ls_R_factor_R_free_error_details         ? 
_refine.ls_R_factor_R_work                       0.1860 
_refine.ls_R_Fsqd_factor_obs                     ? 
_refine.ls_R_I_factor_obs                        ? 
_refine.ls_redundancy_reflns_all                 ? 
_refine.ls_redundancy_reflns_obs                 ? 
_refine.ls_restrained_S_all                      ? 
_refine.ls_restrained_S_obs                      ? 
_refine.ls_shift_over_esd_max                    ? 
_refine.ls_shift_over_esd_mean                   ? 
_refine.ls_structure_factor_coef                 ? 
_refine.ls_weighting_details                     ? 
_refine.ls_weighting_scheme                      ? 
_refine.ls_wR_factor_all                         ? 
_refine.ls_wR_factor_obs                         ? 
_refine.ls_wR_factor_R_free                      ? 
_refine.ls_wR_factor_R_work                      ? 
_refine.occupancy_max                            ? 
_refine.occupancy_min                            ? 
_refine.solvent_model_details                    'FLAT BULK SOLVENT MODEL' 
_refine.solvent_model_param_bsol                 ? 
_refine.solvent_model_param_ksol                 ? 
_refine.pdbx_R_complete                          ? 
_refine.ls_R_factor_gt                           ? 
_refine.ls_goodness_of_fit_gt                    ? 
_refine.ls_goodness_of_fit_ref                   ? 
_refine.ls_shift_over_su_max                     ? 
_refine.ls_shift_over_su_max_lt                  ? 
_refine.ls_shift_over_su_mean                    ? 
_refine.ls_shift_over_su_mean_lt                 ? 
_refine.pdbx_ls_sigma_I                          ? 
_refine.pdbx_ls_sigma_F                          1.480 
_refine.pdbx_ls_sigma_Fsqd                       ? 
_refine.pdbx_data_cutoff_high_absF               ? 
_refine.pdbx_data_cutoff_high_rms_absF           ? 
_refine.pdbx_data_cutoff_low_absF                ? 
_refine.pdbx_isotropic_thermal_model             ? 
_refine.pdbx_ls_cross_valid_method               THROUGHOUT 
_refine.pdbx_method_to_determine_struct          ? 
_refine.pdbx_starting_model                      ? 
_refine.pdbx_stereochemistry_target_values       ML 
_refine.pdbx_R_Free_selection_details            ? 
_refine.pdbx_stereochem_target_val_spec_case     ? 
_refine.pdbx_overall_ESU_R                       ? 
_refine.pdbx_overall_ESU_R_Free                  ? 
_refine.pdbx_solvent_vdw_probe_radii             1.1100 
_refine.pdbx_solvent_ion_probe_radii             ? 
_refine.pdbx_solvent_shrinkage_radii             0.9000 
_refine.pdbx_real_space_R                        ? 
_refine.pdbx_density_correlation                 ? 
_refine.pdbx_pd_number_of_powder_patterns        ? 
_refine.pdbx_pd_number_of_points                 ? 
_refine.pdbx_pd_meas_number_of_points            ? 
_refine.pdbx_pd_proc_ls_prof_R_factor            ? 
_refine.pdbx_pd_proc_ls_prof_wR_factor           ? 
_refine.pdbx_pd_Marquardt_correlation_coeff      ? 
_refine.pdbx_pd_Fsqrd_R_factor                   ? 
_refine.pdbx_pd_ls_matrix_band_width             ? 
_refine.pdbx_overall_phase_error                 30.2400 
_refine.pdbx_overall_SU_R_free_Cruickshank_DPI   ? 
_refine.pdbx_overall_SU_R_free_Blow_DPI          ? 
_refine.pdbx_overall_SU_R_Blow_DPI               ? 
_refine.pdbx_TLS_residual_ADP_flag               ? 
_refine.pdbx_diffrn_id                           1 
_refine.overall_SU_B                             ? 
_refine.overall_SU_ML                            0.1000 
_refine.overall_SU_R_Cruickshank_DPI             ? 
_refine.overall_SU_R_free                        ? 
_refine.overall_FOM_free_R_set                   ? 
_refine.overall_FOM_work_R_set                   ? 
_refine.pdbx_average_fsc_overall                 ? 
_refine.pdbx_average_fsc_work                    ? 
_refine.pdbx_average_fsc_free                    ? 
# 
_refine_hist.pdbx_refine_id                   'ELECTRON CRYSTALLOGRAPHY' 
_refine_hist.cycle_id                         final 
_refine_hist.details                          ? 
_refine_hist.d_res_high                       1.0000 
_refine_hist.d_res_low                        7.0970 
_refine_hist.number_atoms_solvent             0 
_refine_hist.number_atoms_total               60 
_refine_hist.number_reflns_all                ? 
_refine_hist.number_reflns_obs                ? 
_refine_hist.number_reflns_R_free             ? 
_refine_hist.number_reflns_R_work             ? 
_refine_hist.R_factor_all                     ? 
_refine_hist.R_factor_obs                     ? 
_refine_hist.R_factor_R_free                  ? 
_refine_hist.R_factor_R_work                  ? 
_refine_hist.pdbx_number_residues_total       8 
_refine_hist.pdbx_B_iso_mean_ligand           ? 
_refine_hist.pdbx_B_iso_mean_solvent          ? 
_refine_hist.pdbx_number_atoms_protein        60 
_refine_hist.pdbx_number_atoms_nucleic_acid   0 
_refine_hist.pdbx_number_atoms_ligand         0 
_refine_hist.pdbx_number_atoms_lipid          ? 
_refine_hist.pdbx_number_atoms_carb           ? 
_refine_hist.pdbx_pseudo_atom_details         ? 
# 
loop_
_refine_ls_shell.pdbx_refine_id 
_refine_ls_shell.d_res_high 
_refine_ls_shell.d_res_low 
_refine_ls_shell.number_reflns_all 
_refine_ls_shell.number_reflns_obs 
_refine_ls_shell.number_reflns_R_free 
_refine_ls_shell.number_reflns_R_work 
_refine_ls_shell.percent_reflns_obs 
_refine_ls_shell.percent_reflns_R_free 
_refine_ls_shell.R_factor_all 
_refine_ls_shell.R_factor_obs 
_refine_ls_shell.R_factor_R_free 
_refine_ls_shell.R_factor_R_free_error 
_refine_ls_shell.R_factor_R_work 
_refine_ls_shell.redundancy_reflns_all 
_refine_ls_shell.redundancy_reflns_obs 
_refine_ls_shell.wR_factor_all 
_refine_ls_shell.wR_factor_obs 
_refine_ls_shell.wR_factor_R_free 
_refine_ls_shell.wR_factor_R_work 
_refine_ls_shell.pdbx_R_complete 
_refine_ls_shell.pdbx_total_number_of_bins_used 
_refine_ls_shell.pdbx_phase_error 
_refine_ls_shell.pdbx_fsc_work 
_refine_ls_shell.pdbx_fsc_free 
'ELECTRON CRYSTALLOGRAPHY' 1.0001 1.0455 . . 23 206 79.0000 . . . 0.2503 0.0000 0.2207 . . . . . . . . . . . 
'ELECTRON CRYSTALLOGRAPHY' 1.0455 1.1004 . . 24 218 81.0000 . . . 0.2150 0.0000 0.2136 . . . . . . . . . . . 
'ELECTRON CRYSTALLOGRAPHY' 1.1004 1.1690 . . 26 234 80.0000 . . . 0.1409 0.0000 0.1742 . . . . . . . . . . . 
'ELECTRON CRYSTALLOGRAPHY' 1.1690 1.2588 . . 25 228 80.0000 . . . 0.2209 0.0000 0.2021 . . . . . . . . . . . 
'ELECTRON CRYSTALLOGRAPHY' 1.2588 1.3847 . . 23 199 77.0000 . . . 0.1407 0.0000 0.1948 . . . . . . . . . . . 
'ELECTRON CRYSTALLOGRAPHY' 1.3847 1.5831 . . 27 246 82.0000 . . . 0.2269 0.0000 0.1819 . . . . . . . . . . . 
'ELECTRON CRYSTALLOGRAPHY' 1.5831 1.9873 . . 22 198 77.0000 . . . 0.1877 0.0000 0.1556 . . . . . . . . . . . 
'ELECTRON CRYSTALLOGRAPHY' 1.9873 7.0970 . . 27 233 78.0000 . . . 0.2503 0.0000 0.1832 . . . . . . . . . . . 
# 
_struct.entry_id                     7N2E 
_struct.title                        'MicroED structure of human CPEB3 segment (154-161) straight polymorph' 
_struct.pdbx_model_details           ? 
_struct.pdbx_formula_weight          ? 
_struct.pdbx_formula_weight_method   ? 
_struct.pdbx_model_type_details      ? 
_struct.pdbx_CASP_flag               N 
# 
_struct_keywords.entry_id        7N2E 
_struct_keywords.text            'functional amyloid, MicroED, amyloid, PROTEIN FIBRIL' 
_struct_keywords.pdbx_keywords   'PROTEIN FIBRIL' 
# 
_struct_asym.id                            A 
_struct_asym.pdbx_blank_PDB_chainid_flag   N 
_struct_asym.pdbx_modified                 N 
_struct_asym.entity_id                     1 
_struct_asym.details                       ? 
# 
_struct_ref.id                         1 
_struct_ref.db_name                    PDB 
_struct_ref.db_code                    7N2E 
_struct_ref.pdbx_db_accession          7N2E 
_struct_ref.pdbx_db_isoform            ? 
_struct_ref.entity_id                  1 
_struct_ref.pdbx_seq_one_letter_code   ? 
_struct_ref.pdbx_align_begin           1 
# 
_struct_ref_seq.align_id                      1 
_struct_ref_seq.ref_id                        1 
_struct_ref_seq.pdbx_PDB_id_code              7N2E 
_struct_ref_seq.pdbx_strand_id                C 
_struct_ref_seq.seq_align_beg                 1 
_struct_ref_seq.pdbx_seq_align_beg_ins_code   ? 
_struct_ref_seq.seq_align_end                 8 
_struct_ref_seq.pdbx_seq_align_end_ins_code   ? 
_struct_ref_seq.pdbx_db_accession             7N2E 
_struct_ref_seq.db_align_beg                  194 
_struct_ref_seq.pdbx_db_align_beg_ins_code    ? 
_struct_ref_seq.db_align_end                  201 
_struct_ref_seq.pdbx_db_align_end_ins_code    ? 
_struct_ref_seq.pdbx_auth_seq_align_beg       194 
_struct_ref_seq.pdbx_auth_seq_align_end       201 
# 
_pdbx_struct_assembly.id                   1 
_pdbx_struct_assembly.details              author_and_software_defined_assembly 
_pdbx_struct_assembly.method_details       PISA 
_pdbx_struct_assembly.oligomeric_details   monomeric 
_pdbx_struct_assembly.oligomeric_count     1 
# 
loop_
_pdbx_struct_assembly_prop.biol_id 
_pdbx_struct_assembly_prop.type 
_pdbx_struct_assembly_prop.value 
_pdbx_struct_assembly_prop.details 
1 'ABSA (A^2)' 0    ? 
1 MORE         0    ? 
1 'SSA (A^2)'  1260 ? 
# 
_pdbx_struct_assembly_gen.assembly_id       1 
_pdbx_struct_assembly_gen.oper_expression   1 
_pdbx_struct_assembly_gen.asym_id_list      A 
# 
_pdbx_struct_assembly_auth_evidence.id                     1 
_pdbx_struct_assembly_auth_evidence.assembly_id            1 
_pdbx_struct_assembly_auth_evidence.experimental_support   none 
_pdbx_struct_assembly_auth_evidence.details                ? 
# 
_pdbx_struct_oper_list.id                   1 
_pdbx_struct_oper_list.type                 'identity operation' 
_pdbx_struct_oper_list.name                 1_555 
_pdbx_struct_oper_list.symmetry_operation   x,y,z 
_pdbx_struct_oper_list.matrix[1][1]         1.0000000000 
_pdbx_struct_oper_list.matrix[1][2]         0.0000000000 
_pdbx_struct_oper_list.matrix[1][3]         0.0000000000 
_pdbx_struct_oper_list.vector[1]            0.0000000000 
_pdbx_struct_oper_list.matrix[2][1]         0.0000000000 
_pdbx_struct_oper_list.matrix[2][2]         1.0000000000 
_pdbx_struct_oper_list.matrix[2][3]         0.0000000000 
_pdbx_struct_oper_list.vector[2]            0.0000000000 
_pdbx_struct_oper_list.matrix[3][1]         0.0000000000 
_pdbx_struct_oper_list.matrix[3][2]         0.0000000000 
_pdbx_struct_oper_list.matrix[3][3]         1.0000000000 
_pdbx_struct_oper_list.vector[3]            0.0000000000 
# 
_em_3d_fitting.entry_id          7N2E 
_em_3d_fitting.id                1 
_em_3d_fitting.details           ? 
_em_3d_fitting.overall_b_value   ? 
_em_3d_fitting.ref_protocol      'AB INITIO MODEL' 
_em_3d_fitting.ref_space         ? 
_em_3d_fitting.target_criteria   ? 
_em_3d_fitting.method            ? 
# 
_em_3d_reconstruction.entry_id                    7N2E 
_em_3d_reconstruction.id                          1 
_em_3d_reconstruction.algorithm                   ? 
_em_3d_reconstruction.details                     ? 
_em_3d_reconstruction.refinement_type             ? 
_em_3d_reconstruction.image_processing_id         1 
_em_3d_reconstruction.num_class_averages          ? 
_em_3d_reconstruction.num_particles               ? 
_em_3d_reconstruction.resolution                  ? 
_em_3d_reconstruction.resolution_method           'DIFFRACTION PATTERN/LAYERLINES' 
_em_3d_reconstruction.symmetry_type               '3D CRYSTAL' 
_em_3d_reconstruction.method                      ? 
_em_3d_reconstruction.nominal_pixel_size          ? 
_em_3d_reconstruction.actual_pixel_size           ? 
_em_3d_reconstruction.magnification_calibration   ? 
# 
_em_buffer.id            1 
_em_buffer.details       ? 
_em_buffer.pH            6.5 
_em_buffer.specimen_id   1 
_em_buffer.name          ? 
# 
_em_entity_assembly.id                   1 
_em_entity_assembly.parent_id            0 
_em_entity_assembly.details              ? 
_em_entity_assembly.name                 'Steric zipper structure of huCPEB3 (154-161)' 
_em_entity_assembly.source               'MULTIPLE SOURCES' 
_em_entity_assembly.type                 COMPLEX 
_em_entity_assembly.entity_id_list       1 
_em_entity_assembly.synonym              ? 
_em_entity_assembly.oligomeric_details   ? 
# 
_em_imaging.id                              1 
_em_imaging.entry_id                        7N2E 
_em_imaging.accelerating_voltage            200 
_em_imaging.alignment_procedure             ? 
_em_imaging.c2_aperture_diameter            ? 
_em_imaging.calibrated_defocus_max          ? 
_em_imaging.calibrated_defocus_min          ? 
_em_imaging.calibrated_magnification        ? 
_em_imaging.cryogen                         ? 
_em_imaging.details                         ? 
_em_imaging.electron_source                 'FIELD EMISSION GUN' 
_em_imaging.illumination_mode               'FLOOD BEAM' 
_em_imaging.microscope_model                'FEI TALOS ARCTICA' 
_em_imaging.mode                            DIFFRACTION 
_em_imaging.nominal_cs                      ? 
_em_imaging.nominal_defocus_max             ? 
_em_imaging.nominal_defocus_min             ? 
_em_imaging.nominal_magnification           ? 
_em_imaging.recording_temperature_maximum   ? 
_em_imaging.recording_temperature_minimum   ? 
_em_imaging.residual_tilt                   ? 
_em_imaging.specimen_holder_model           ? 
_em_imaging.specimen_id                     1 
_em_imaging.citation_id                     ? 
_em_imaging.date                            ? 
_em_imaging.temperature                     ? 
_em_imaging.tilt_angle_min                  ? 
_em_imaging.tilt_angle_max                  ? 
_em_imaging.astigmatism                     ? 
_em_imaging.detector_distance               ? 
_em_imaging.electron_beam_tilt_params       ? 
_em_imaging.specimen_holder_type            ? 
# 
_em_vitrification.id                    1 
_em_vitrification.specimen_id           1 
_em_vitrification.chamber_temperature   ? 
_em_vitrification.cryogen_name          ETHANE 
_em_vitrification.details               ? 
_em_vitrification.humidity              ? 
_em_vitrification.instrument            ? 
_em_vitrification.entry_id              7N2E 
_em_vitrification.citation_id           ? 
_em_vitrification.method                ? 
_em_vitrification.temp                  ? 
_em_vitrification.time_resolved_state   ? 
# 
_em_experiment.entry_id                7N2E 
_em_experiment.id                      1 
_em_experiment.aggregation_state       FILAMENT 
_em_experiment.reconstruction_method   CRYSTALLOGRAPHY 
_em_experiment.entity_assembly_id      1 
# 
loop_
_chem_comp_atom.comp_id 
_chem_comp_atom.atom_id 
_chem_comp_atom.type_symbol 
_chem_comp_atom.pdbx_aromatic_flag 
_chem_comp_atom.pdbx_stereo_config 
_chem_comp_atom.pdbx_ordinal 
ALA N    N N N 1   
ALA CA   C N S 2   
ALA C    C N N 3   
ALA O    O N N 4   
ALA CB   C N N 5   
ALA OXT  O N N 6   
ALA H    H N N 7   
ALA H2   H N N 8   
ALA HA   H N N 9   
ALA HB1  H N N 10  
ALA HB2  H N N 11  
ALA HB3  H N N 12  
ALA HXT  H N N 13  
GLN N    N N N 14  
GLN CA   C N S 15  
GLN C    C N N 16  
GLN O    O N N 17  
GLN CB   C N N 18  
GLN CG   C N N 19  
GLN CD   C N N 20  
GLN OE1  O N N 21  
GLN NE2  N N N 22  
GLN OXT  O N N 23  
GLN H    H N N 24  
GLN H2   H N N 25  
GLN HA   H N N 26  
GLN HB2  H N N 27  
GLN HB3  H N N 28  
GLN HG2  H N N 29  
GLN HG3  H N N 30  
GLN HE21 H N N 31  
GLN HE22 H N N 32  
GLN HXT  H N N 33  
GLY N    N N N 34  
GLY CA   C N N 35  
GLY C    C N N 36  
GLY O    O N N 37  
GLY OXT  O N N 38  
GLY H    H N N 39  
GLY H2   H N N 40  
GLY HA2  H N N 41  
GLY HA3  H N N 42  
GLY HXT  H N N 43  
ILE N    N N N 44  
ILE CA   C N S 45  
ILE C    C N N 46  
ILE O    O N N 47  
ILE CB   C N S 48  
ILE CG1  C N N 49  
ILE CG2  C N N 50  
ILE CD1  C N N 51  
ILE OXT  O N N 52  
ILE H    H N N 53  
ILE H2   H N N 54  
ILE HA   H N N 55  
ILE HB   H N N 56  
ILE HG12 H N N 57  
ILE HG13 H N N 58  
ILE HG21 H N N 59  
ILE HG22 H N N 60  
ILE HG23 H N N 61  
ILE HD11 H N N 62  
ILE HD12 H N N 63  
ILE HD13 H N N 64  
ILE HXT  H N N 65  
LEU N    N N N 66  
LEU CA   C N S 67  
LEU C    C N N 68  
LEU O    O N N 69  
LEU CB   C N N 70  
LEU CG   C N N 71  
LEU CD1  C N N 72  
LEU CD2  C N N 73  
LEU OXT  O N N 74  
LEU H    H N N 75  
LEU H2   H N N 76  
LEU HA   H N N 77  
LEU HB2  H N N 78  
LEU HB3  H N N 79  
LEU HG   H N N 80  
LEU HD11 H N N 81  
LEU HD12 H N N 82  
LEU HD13 H N N 83  
LEU HD21 H N N 84  
LEU HD22 H N N 85  
LEU HD23 H N N 86  
LEU HXT  H N N 87  
THR N    N N N 88  
THR CA   C N S 89  
THR C    C N N 90  
THR O    O N N 91  
THR CB   C N R 92  
THR OG1  O N N 93  
THR CG2  C N N 94  
THR OXT  O N N 95  
THR H    H N N 96  
THR H2   H N N 97  
THR HA   H N N 98  
THR HB   H N N 99  
THR HG1  H N N 100 
THR HG21 H N N 101 
THR HG22 H N N 102 
THR HG23 H N N 103 
THR HXT  H N N 104 
# 
loop_
_chem_comp_bond.comp_id 
_chem_comp_bond.atom_id_1 
_chem_comp_bond.atom_id_2 
_chem_comp_bond.value_order 
_chem_comp_bond.pdbx_aromatic_flag 
_chem_comp_bond.pdbx_stereo_config 
_chem_comp_bond.pdbx_ordinal 
ALA N   CA   sing N N 1  
ALA N   H    sing N N 2  
ALA N   H2   sing N N 3  
ALA CA  C    sing N N 4  
ALA CA  CB   sing N N 5  
ALA CA  HA   sing N N 6  
ALA C   O    doub N N 7  
ALA C   OXT  sing N N 8  
ALA CB  HB1  sing N N 9  
ALA CB  HB2  sing N N 10 
ALA CB  HB3  sing N N 11 
ALA OXT HXT  sing N N 12 
GLN N   CA   sing N N 13 
GLN N   H    sing N N 14 
GLN N   H2   sing N N 15 
GLN CA  C    sing N N 16 
GLN CA  CB   sing N N 17 
GLN CA  HA   sing N N 18 
GLN C   O    doub N N 19 
GLN C   OXT  sing N N 20 
GLN CB  CG   sing N N 21 
GLN CB  HB2  sing N N 22 
GLN CB  HB3  sing N N 23 
GLN CG  CD   sing N N 24 
GLN CG  HG2  sing N N 25 
GLN CG  HG3  sing N N 26 
GLN CD  OE1  doub N N 27 
GLN CD  NE2  sing N N 28 
GLN NE2 HE21 sing N N 29 
GLN NE2 HE22 sing N N 30 
GLN OXT HXT  sing N N 31 
GLY N   CA   sing N N 32 
GLY N   H    sing N N 33 
GLY N   H2   sing N N 34 
GLY CA  C    sing N N 35 
GLY CA  HA2  sing N N 36 
GLY CA  HA3  sing N N 37 
GLY C   O    doub N N 38 
GLY C   OXT  sing N N 39 
GLY OXT HXT  sing N N 40 
ILE N   CA   sing N N 41 
ILE N   H    sing N N 42 
ILE N   H2   sing N N 43 
ILE CA  C    sing N N 44 
ILE CA  CB   sing N N 45 
ILE CA  HA   sing N N 46 
ILE C   O    doub N N 47 
ILE C   OXT  sing N N 48 
ILE CB  CG1  sing N N 49 
ILE CB  CG2  sing N N 50 
ILE CB  HB   sing N N 51 
ILE CG1 CD1  sing N N 52 
ILE CG1 HG12 sing N N 53 
ILE CG1 HG13 sing N N 54 
ILE CG2 HG21 sing N N 55 
ILE CG2 HG22 sing N N 56 
ILE CG2 HG23 sing N N 57 
ILE CD1 HD11 sing N N 58 
ILE CD1 HD12 sing N N 59 
ILE CD1 HD13 sing N N 60 
ILE OXT HXT  sing N N 61 
LEU N   CA   sing N N 62 
LEU N   H    sing N N 63 
LEU N   H2   sing N N 64 
LEU CA  C    sing N N 65 
LEU CA  CB   sing N N 66 
LEU CA  HA   sing N N 67 
LEU C   O    doub N N 68 
LEU C   OXT  sing N N 69 
LEU CB  CG   sing N N 70 
LEU CB  HB2  sing N N 71 
LEU CB  HB3  sing N N 72 
LEU CG  CD1  sing N N 73 
LEU CG  CD2  sing N N 74 
LEU CG  HG   sing N N 75 
LEU CD1 HD11 sing N N 76 
LEU CD1 HD12 sing N N 77 
LEU CD1 HD13 sing N N 78 
LEU CD2 HD21 sing N N 79 
LEU CD2 HD22 sing N N 80 
LEU CD2 HD23 sing N N 81 
LEU OXT HXT  sing N N 82 
THR N   CA   sing N N 83 
THR N   H    sing N N 84 
THR N   H2   sing N N 85 
THR CA  C    sing N N 86 
THR CA  CB   sing N N 87 
THR CA  HA   sing N N 88 
THR C   O    doub N N 89 
THR C   OXT  sing N N 90 
THR CB  OG1  sing N N 91 
THR CB  CG2  sing N N 92 
THR CB  HB   sing N N 93 
THR OG1 HG1  sing N N 94 
THR CG2 HG21 sing N N 95 
THR CG2 HG22 sing N N 96 
THR CG2 HG23 sing N N 97 
THR OXT HXT  sing N N 98 
# 
_em_3d_crystal_entity.id                    1 
_em_3d_crystal_entity.image_processing_id   1 
_em_3d_crystal_entity.angle_alpha           90 
_em_3d_crystal_entity.angle_beta            94.605 
_em_3d_crystal_entity.angle_gamma           90 
_em_3d_crystal_entity.length_a              4.83 
_em_3d_crystal_entity.length_b              16.29 
_em_3d_crystal_entity.length_c              29.02 
_em_3d_crystal_entity.space_group_name      'P 1 21 1' 
_em_3d_crystal_entity.space_group_num       4 
# 
_em_ctf_correction.id                       1 
_em_ctf_correction.em_image_processing_id   1 
_em_ctf_correction.type                     NONE 
_em_ctf_correction.details                  ? 
# 
_em_diffraction.id                1 
_em_diffraction.camera_length     750 
_em_diffraction.imaging_id        1 
_em_diffraction.tilt_angle_list   ? 
# 
loop_
_em_diffraction_shell.id 
_em_diffraction_shell.em_diffraction_stats_id 
_em_diffraction_shell.fourier_space_coverage 
_em_diffraction_shell.high_resolution 
_em_diffraction_shell.low_resolution 
_em_diffraction_shell.multiplicity 
_em_diffraction_shell.num_structure_factors 
_em_diffraction_shell.phase_residual 
1  1 10   7.0971 2.1368 2     1   0.01 
2  1 78.4 2.1368 1.7038 5.81  207 .01  
3  1 77   1.7038 1.4907 5.30  184 .01  
4  1 81   1.4907 1.3554 6.12  209 .01  
5  1 80.4 1.3554 1.2588 6.13  213 .01  
6  1 79   1.2588 1.1850 5.36  199 .01  
7  1 78.8 1.1850 1.1259 5.483 186 .01  
8  1 82.5 1.1259 1.0770 6.53  221 .01  
9  1 80.9 1.0770 1.0357 6.19  212 .01  
10 1 81.1 1.0357 1.0001 5.94  193 .01  
# 
_em_diffraction_stats.id                               1 
_em_diffraction_stats.details                          
;Phase error and phase residual statistics are not routinely reported for crystallographic structures. No imaging was used. The phases were
obtained by an ab initio crystallographic method described in our
manuscript
;
_em_diffraction_stats.image_processing_id              1 
_em_diffraction_stats.fourier_space_coverage           79.6 
_em_diffraction_stats.high_resolution                  1.00 
_em_diffraction_stats.num_intensities_measured         11581 
_em_diffraction_stats.num_structure_factors            1976 
_em_diffraction_stats.overall_phase_error              33.78 
_em_diffraction_stats.overall_phase_residual           0.01 
_em_diffraction_stats.phase_error_rejection_criteria   0 
_em_diffraction_stats.r_merge                          0.1524 
_em_diffraction_stats.r_sym                            0.154 
# 
_em_entity_assembly_molwt.entity_assembly_id   1 
_em_entity_assembly_molwt.id                   1 
_em_entity_assembly_molwt.experimental_flag    YES 
_em_entity_assembly_molwt.units                KILODALTONS/NANOMETER 
_em_entity_assembly_molwt.value                0.858 
# 
_em_image_processing.id                   1 
_em_image_processing.image_recording_id   1 
_em_image_processing.details              ? 
# 
_em_image_recording.id                            1 
_em_image_recording.imaging_id                    1 
_em_image_recording.avg_electron_dose_per_image   .05 
_em_image_recording.average_exposure_time         ? 
_em_image_recording.details                       ? 
_em_image_recording.detector_mode                 ? 
_em_image_recording.film_or_detector_model        OTHER 
_em_image_recording.num_diffraction_images        ? 
_em_image_recording.num_grids_imaged              ? 
_em_image_recording.num_real_images               ? 
# 
loop_
_em_software.id 
_em_software.category 
_em_software.details 
_em_software.name 
_em_software.version 
_em_software.image_processing_id 
_em_software.fitting_id 
_em_software.imaging_id 
1  'IMAGE ACQUISITION'             ? ? ? ? ? 1 
2  MASKING                         ? ? ? ? ? ? 
3  'CTF CORRECTION'                ? ? ? 1 ? ? 
4  'LAYERLINE INDEXING'            ? ? ? ? ? ? 
5  'DIFFRACTION INDEXING'          ? ? ? ? ? ? 
6  'MODEL FITTING'                 ? ? ? ? 1 ? 
7  OTHER                           ? ? ? ? ? ? 
8  'MODEL REFINEMENT'              ? ? ? ? 1 ? 
9  'MOLECULAR REPLACEMENT'         ? ? ? 1 ? ? 
10 'LATTICE DISTORTION CORRECTION' ? ? ? 1 ? ? 
11 'SYMMETRY DETERMINATION'        ? ? ? 1 ? ? 
12 'CRYSTALLOGRAPHY MERGING'       ? ? ? 1 ? ? 
13 RECONSTRUCTION                  ? ? ? 1 ? ? 
# 
_em_specimen.id                      1 
_em_specimen.experiment_id           1 
_em_specimen.concentration           ? 
_em_specimen.details                 ? 
_em_specimen.embedding_applied       NO 
_em_specimen.shadowing_applied       NO 
_em_specimen.staining_applied        NO 
_em_specimen.vitrification_applied   YES 
# 
loop_
_pdbx_audit_support.funding_organization 
_pdbx_audit_support.country 
_pdbx_audit_support.grant_number 
_pdbx_audit_support.ordinal 
'National Science Foundation (NSF, United States)'                                         'United States' DMR-1548924           1 
'Department of Energy (DOE, United States)'                                                'United States' DE-FC02-02ER63421     2 
'National Institutes of Health/National Institute of General Medical Sciences (NIH/NIGMS)' 'United States' GM128867              3 
'National Institutes of Health/National Institute of General Medical Sciences (NIH/NIGMS)' 'United States' P41GM136508           4 
'National Institutes of Health/National Institute of General Medical Sciences (NIH/NIGMS)' 'United States' GM136614              5 
'National Institutes of Health/National Institute of General Medical Sciences (NIH/NIGMS)' 'United States' GM007185              6 
'National Institutes of Health/National Institute of General Medical Sciences (NIH/NIGMS)' 'United States' AI143368              7 
'Sao Paulo Research Foundation (FAPESP)'                                                   'United States' 16/24191-8            8 
'Sao Paulo Research Foundation (FAPESP)'                                                   Brazil          17/13485-3            9 
'Spanish Ministry of Science, Innovation, and Universities'                                'United States' BES-2015-071397       
10 
'Spanish Ministry of Economy and Competitiveness'                                          Spain           PGC2018-101370-B-100, 
11 
'Spanish Ministry of Economy and Competitiveness'                                          Spain           MDM2014-0435-01       
12 
'Other government'                                                                         Spain           '2017SGR- 1192'       
13 
# 
_atom_sites.entry_id                    7N2E 
_atom_sites.Cartn_transf_matrix[1][1]   ? 
_atom_sites.Cartn_transf_matrix[1][2]   ? 
_atom_sites.Cartn_transf_matrix[1][3]   ? 
_atom_sites.Cartn_transf_matrix[2][1]   ? 
_atom_sites.Cartn_transf_matrix[2][2]   ? 
_atom_sites.Cartn_transf_matrix[2][3]   ? 
_atom_sites.Cartn_transf_matrix[3][1]   ? 
_atom_sites.Cartn_transf_matrix[3][2]   ? 
_atom_sites.Cartn_transf_matrix[3][3]   ? 
_atom_sites.Cartn_transf_vector[1]      ? 
_atom_sites.Cartn_transf_vector[2]      ? 
_atom_sites.Cartn_transf_vector[3]      ? 
_atom_sites.fract_transf_matrix[1][1]   0.00520484 
_atom_sites.fract_transf_matrix[1][2]   0.08637722 
_atom_sites.fract_transf_matrix[1][3]   0.18882564 
_atom_sites.fract_transf_matrix[2][1]   0.06134444 
_atom_sites.fract_transf_matrix[2][2]   -0.00217741 
_atom_sites.fract_transf_matrix[2][3]   -0.00069487 
_atom_sites.fract_transf_matrix[3][1]   0.00101850 
_atom_sites.fract_transf_matrix[3][2]   0.03246881 
_atom_sites.fract_transf_matrix[3][3]   -0.01182764 
_atom_sites.fract_transf_vector[1]      0.169690 
_atom_sites.fract_transf_vector[2]      0.841172 
_atom_sites.fract_transf_vector[3]      0.399284 
_atom_sites.solution_primary            ? 
_atom_sites.solution_secondary          ? 
_atom_sites.solution_hydrogens          ? 
_atom_sites.special_details             ? 
# 
loop_
_atom_type.symbol 
C 
H 
N 
O 
# 
loop_
_atom_site.group_PDB 
_atom_site.id 
_atom_site.type_symbol 
_atom_site.label_atom_id 
_atom_site.label_alt_id 
_atom_site.label_comp_id 
_atom_site.label_asym_id 
_atom_site.label_entity_id 
_atom_site.label_seq_id 
_atom_site.pdbx_PDB_ins_code 
_atom_site.Cartn_x 
_atom_site.Cartn_y 
_atom_site.Cartn_z 
_atom_site.occupancy 
_atom_site.B_iso_or_equiv 
_atom_site.pdbx_formal_charge 
_atom_site.auth_seq_id 
_atom_site.auth_comp_id 
_atom_site.auth_asym_id 
_atom_site.auth_atom_id 
_atom_site.pdbx_PDB_model_num 
ATOM 1   N N    . GLN A 1 1 ? -0.227 13.111  -4.748 1.00 3.76  ? 194 GLN C N    1 
ATOM 2   C CA   . GLN A 1 1 ? 0.723  12.014  -4.559 1.00 2.52  ? 194 GLN C CA   1 
ATOM 3   C C    . GLN A 1 1 ? 0.147  11.090  -3.505 1.00 1.61  ? 194 GLN C C    1 
ATOM 4   O O    . GLN A 1 1 ? -0.016 11.514  -2.344 1.00 3.02  ? 194 GLN C O    1 
ATOM 5   C CB   . GLN A 1 1 ? 2.123  12.539  -4.174 1.00 2.82  ? 194 GLN C CB   1 
ATOM 6   C CG   . GLN A 1 1 ? 3.187  11.490  -4.038 1.00 3.94  ? 194 GLN C CG   1 
ATOM 7   C CD   . GLN A 1 1 ? 4.576  12.097  -3.742 1.00 3.20  ? 194 GLN C CD   1 
ATOM 8   O OE1  . GLN A 1 1 ? 5.452  12.137  -4.629 1.00 4.14  ? 194 GLN C OE1  1 
ATOM 9   N NE2  . GLN A 1 1 ? 4.771  12.547  -2.601 1.00 3.63  ? 194 GLN C NE2  1 
ATOM 10  H HA   . GLN A 1 1 ? 0.864  11.518  -5.380 1.00 3.02  ? 194 GLN C HA   1 
ATOM 11  H HB2  . GLN A 1 1 ? 2.416  13.162  -4.857 1.00 3.38  ? 194 GLN C HB2  1 
ATOM 12  H HB3  . GLN A 1 1 ? 2.055  12.994  -3.319 1.00 3.38  ? 194 GLN C HB3  1 
ATOM 13  H HG2  . GLN A 1 1 ? 2.956  10.894  -3.307 1.00 4.73  ? 194 GLN C HG2  1 
ATOM 14  H HG3  . GLN A 1 1 ? 3.247  10.989  -4.868 1.00 4.73  ? 194 GLN C HG3  1 
ATOM 15  H HE21 . GLN A 1 1 ? 4.144  12.514  -2.012 1.00 4.36  ? 194 GLN C HE21 1 
ATOM 16  H HE22 . GLN A 1 1 ? 5.532  12.894  -2.399 1.00 4.36  ? 194 GLN C HE22 1 
ATOM 17  N N    . ILE A 1 2 ? -0.226 9.863   -3.896 1.00 0.94  ? 195 ILE C N    1 
ATOM 18  C CA   . ILE A 1 2 ? -0.713 8.807   -3.015 1.00 0.73  ? 195 ILE C CA   1 
ATOM 19  C C    . ILE A 1 2 ? 0.079  7.533   -3.230 1.00 0.40  ? 195 ILE C C    1 
ATOM 20  O O    . ILE A 1 2 ? 0.192  7.070   -4.349 1.00 0.58  ? 195 ILE C O    1 
ATOM 21  C CB   . ILE A 1 2 ? -2.240 8.509   -3.229 1.00 0.57  ? 195 ILE C CB   1 
ATOM 22  C CG1  . ILE A 1 2 ? -3.106 9.697   -2.915 1.00 1.89  ? 195 ILE C CG1  1 
ATOM 23  C CG2  . ILE A 1 2 ? -2.631 7.287   -2.361 1.00 0.82  ? 195 ILE C CG2  1 
ATOM 24  C CD1  . ILE A 1 2 ? -4.564 9.560   -3.282 1.00 2.63  ? 195 ILE C CD1  1 
ATOM 25  H H    . ILE A 1 2 ? -0.202 9.610   -4.718 1.00 1.13  ? 195 ILE C H    1 
ATOM 26  H HA   . ILE A 1 2 ? -0.564 9.104   -2.104 1.00 0.87  ? 195 ILE C HA   1 
ATOM 27  H HB   . ILE A 1 2 ? -2.387 8.313   -4.167 1.00 0.68  ? 195 ILE C HB   1 
ATOM 28  H HG12 . ILE A 1 2 ? -3.064 9.860   -1.960 1.00 2.27  ? 195 ILE C HG12 1 
ATOM 29  H HG13 . ILE A 1 2 ? -2.758 10.464  -3.397 1.00 2.27  ? 195 ILE C HG13 1 
ATOM 30  H HG21 . ILE A 1 2 ? -3.587 7.140   -2.435 1.00 0.98  ? 195 ILE C HG21 1 
ATOM 31  H HG22 . ILE A 1 2 ? -2.150 6.507   -2.679 1.00 0.98  ? 195 ILE C HG22 1 
ATOM 32  H HG23 . ILE A 1 2 ? -2.395 7.467   -1.437 1.00 0.98  ? 195 ILE C HG23 1 
ATOM 33  H HD11 . ILE A 1 2 ? -4.993 10.427  -3.200 1.00 3.15  ? 195 ILE C HD11 1 
ATOM 34  H HD12 . ILE A 1 2 ? -4.631 9.244   -4.197 1.00 3.15  ? 195 ILE C HD12 1 
ATOM 35  H HD13 . ILE A 1 2 ? -4.983 8.926   -2.680 1.00 3.15  ? 195 ILE C HD13 1 
ATOM 36  N N    . GLY A 1 3 ? 0.612  6.954   -2.135 1.00 0.96  ? 196 GLY C N    1 
ATOM 37  C CA   . GLY A 1 3 ? 1.256  5.655   -2.135 1.00 1.03  ? 196 GLY C CA   1 
ATOM 38  C C    . GLY A 1 3 ? 0.565  4.735   -1.154 1.00 0.85  ? 196 GLY C C    1 
ATOM 39  O O    . GLY A 1 3 ? 0.424  5.091   0.010  1.00 1.25  ? 196 GLY C O    1 
ATOM 40  H H    . GLY A 1 3 ? 0.606  7.317   -1.356 1.00 1.15  ? 196 GLY C H    1 
ATOM 41  H HA2  . GLY A 1 3 ? 1.210  5.264   -3.022 1.00 1.23  ? 196 GLY C HA2  1 
ATOM 42  H HA3  . GLY A 1 3 ? 2.187  5.748   -1.880 1.00 1.23  ? 196 GLY C HA3  1 
ATOM 43  N N    . LEU A 1 4 ? 0.090  3.578   -1.645 1.00 0.57  ? 197 LEU C N    1 
ATOM 44  C CA   . LEU A 1 4 ? -0.735 2.649   -0.871 1.00 0.66  ? 197 LEU C CA   1 
ATOM 45  C C    . LEU A 1 4 ? -0.121 1.257   -1.026 1.00 0.65  ? 197 LEU C C    1 
ATOM 46  O O    . LEU A 1 4 ? -0.110 0.720   -2.136 1.00 1.45  ? 197 LEU C O    1 
ATOM 47  C CB   . LEU A 1 4 ? -2.185 2.718   -1.341 1.00 1.04  ? 197 LEU C CB   1 
ATOM 48  C CG   . LEU A 1 4 ? -3.260 2.232   -0.463 1.00 3.68  ? 197 LEU C CG   1 
ATOM 49  C CD1  . LEU A 1 4 ? -4.623 2.590   -1.105 1.00 5.04  ? 197 LEU C CD1  1 
ATOM 50  C CD2  . LEU A 1 4 ? -3.330 0.768   -0.128 1.00 6.87  ? 197 LEU C CD2  1 
ATOM 51  H H    . LEU A 1 4 ? 0.239  3.307   -2.447 1.00 0.68  ? 197 LEU C H    1 
ATOM 52  H HA   . LEU A 1 4 ? -0.727 2.869   0.074  1.00 0.80  ? 197 LEU C HA   1 
ATOM 53  H HB2  . LEU A 1 4 ? -2.384 3.649   -1.524 1.00 1.25  ? 197 LEU C HB2  1 
ATOM 54  H HB3  . LEU A 1 4 ? -2.247 2.199   -2.158 1.00 1.25  ? 197 LEU C HB3  1 
ATOM 55  H HG   . LEU A 1 4 ? -3.060 2.666   0.381  1.00 4.41  ? 197 LEU C HG   1 
ATOM 56  H HD11 . LEU A 1 4 ? -5.335 2.308   -0.512 1.00 6.04  ? 197 LEU C HD11 1 
ATOM 57  H HD12 . LEU A 1 4 ? -4.665 3.549   -1.242 1.00 6.04  ? 197 LEU C HD12 1 
ATOM 58  H HD13 . LEU A 1 4 ? -4.700 2.131   -1.957 1.00 6.04  ? 197 LEU C HD13 1 
ATOM 59  H HD21 . LEU A 1 4 ? -4.064 0.621   0.490  1.00 8.25  ? 197 LEU C HD21 1 
ATOM 60  H HD22 . LEU A 1 4 ? -3.477 0.264   -0.942 1.00 8.25  ? 197 LEU C HD22 1 
ATOM 61  H HD23 . LEU A 1 4 ? -2.494 0.498   0.283  1.00 8.25  ? 197 LEU C HD23 1 
ATOM 62  N N    . ALA A 1 5 ? 0.362  0.629   0.102  1.00 1.25  ? 198 ALA C N    1 
ATOM 63  C CA   . ALA A 1 5 ? 0.963  -0.684  0.042  1.00 0.79  ? 198 ALA C CA   1 
ATOM 64  C C    . ALA A 1 5 ? 0.330  -1.591  1.073  1.00 1.25  ? 198 ALA C C    1 
ATOM 65  O O    . ALA A 1 5 ? 0.209  -1.187  2.268  1.00 1.43  ? 198 ALA C O    1 
ATOM 66  C CB   . ALA A 1 5 ? 2.457  -0.484  0.343  1.00 1.65  ? 198 ALA C CB   1 
ATOM 67  H HA   . ALA A 1 5 ? 0.893  -1.040  -0.857 1.00 0.95  ? 198 ALA C HA   1 
ATOM 68  N N    . GLN A 1 6 ? -0.116 -2.790  0.656  1.00 0.98  ? 199 GLN C N    1 
ATOM 69  C CA   . GLN A 1 6 ? -0.825 -3.736  1.493  1.00 1.24  ? 199 GLN C CA   1 
ATOM 70  C C    . GLN A 1 6 ? -0.258 -5.141  1.333  1.00 0.98  ? 199 GLN C C    1 
ATOM 71  O O    . GLN A 1 6 ? -0.098 -5.638  0.209  1.00 1.37  ? 199 GLN C O    1 
ATOM 72  C CB   . GLN A 1 6 ? -2.318 -3.749  1.074  1.00 1.68  ? 199 GLN C CB   1 
ATOM 73  C CG   . GLN A 1 6 ? -3.034 -2.425  1.207  1.00 2.15  ? 199 GLN C CG   1 
ATOM 74  C CD   . GLN A 1 6 ? -4.473 -2.498  0.643  1.00 2.24  ? 199 GLN C CD   1 
ATOM 75  O OE1  . GLN A 1 6 ? -4.683 -2.875  -0.465 1.00 2.27  ? 199 GLN C OE1  1 
ATOM 76  N NE2  . GLN A 1 6 ? -5.448 -2.246  1.511  1.00 3.06  ? 199 GLN C NE2  1 
ATOM 77  H H    . GLN A 1 6 ? -0.009 -3.077  -0.148 1.00 1.18  ? 199 GLN C H    1 
ATOM 78  H HA   . GLN A 1 6 ? -0.724 -3.492  2.425  1.00 1.49  ? 199 GLN C HA   1 
ATOM 79  H HB2  . GLN A 1 6 ? -2.373 -4.016  0.143  1.00 2.02  ? 199 GLN C HB2  1 
ATOM 80  H HB3  . GLN A 1 6 ? -2.787 -4.390  1.631  1.00 2.02  ? 199 GLN C HB3  1 
ATOM 81  H HG2  . GLN A 1 6 ? -3.085 -2.181  2.144  1.00 2.58  ? 199 GLN C HG2  1 
ATOM 82  H HG3  . GLN A 1 6 ? -2.547 -1.746  0.714  1.00 2.58  ? 199 GLN C HG3  1 
ATOM 83  H HE21 . GLN A 1 6 ? -5.258 -2.057  2.327  1.00 3.67  ? 199 GLN C HE21 1 
ATOM 84  H HE22 . GLN A 1 6 ? -6.268 -2.271  1.255  1.00 3.67  ? 199 GLN C HE22 1 
ATOM 85  N N    . THR A 1 7 ? -0.100 -5.843  2.467  1.00 1.68  ? 200 THR C N    1 
ATOM 86  C CA   A THR A 1 7 ? 0.330  -7.229  2.481  0.37 2.09  ? 200 THR C CA   1 
ATOM 87  C CA   B THR A 1 7 ? 0.324  -7.226  2.475  0.63 2.09  ? 200 THR C CA   1 
ATOM 88  C C    . THR A 1 7 ? -0.465 -8.047  3.503  1.00 2.10  ? 200 THR C C    1 
ATOM 89  O O    . THR A 1 7 ? -0.732 -7.584  4.606  1.00 2.41  ? 200 THR C O    1 
ATOM 90  C CB   A THR A 1 7 ? 1.847  -7.354  2.805  0.37 6.56  ? 200 THR C CB   1 
ATOM 91  C CB   B THR A 1 7 ? 1.869  -7.360  2.683  0.63 6.56  ? 200 THR C CB   1 
ATOM 92  O OG1  A THR A 1 7 ? 2.578  -6.339  2.107  0.37 9.16  ? 200 THR C OG1  1 
ATOM 93  O OG1  B THR A 1 7 ? 2.282  -8.704  2.417  0.63 9.16  ? 200 THR C OG1  1 
ATOM 94  C CG2  A THR A 1 7 ? 2.377  -8.723  2.406  0.37 8.57  ? 200 THR C CG2  1 
ATOM 95  C CG2  B THR A 1 7 ? 2.238  -6.997  4.059  0.63 8.57  ? 200 THR C CG2  1 
ATOM 96  H H    . THR A 1 7 ? -0.240 -5.521  3.251  1.00 2.02  ? 200 THR C H    1 
ATOM 97  H HA   . THR A 1 7 ? 0.155  -7.605  1.605  1.00 2.51  ? 200 THR C HA   1 
ATOM 98  H HB   A THR A 1 7 ? 1.978  -7.245  3.760  0.37 7.87  ? 200 THR C HB   1 
ATOM 99  H HB   B THR A 1 7 ? 2.328  -6.760  2.075  0.63 7.87  ? 200 THR C HB   1 
ATOM 100 H HG1  A THR A 1 7 ? 3.398  -6.410  2.274  0.37 11.00 ? 200 THR C HG1  1 
ATOM 101 H HG1  B THR A 1 7 ? 3.108  -8.783  2.552  0.63 11.00 ? 200 THR C HG1  1 
ATOM 102 H HG21 A THR A 1 7 ? 3.333  -8.767  2.562  0.37 10.29 ? 200 THR C HG21 1 
ATOM 103 H HG21 B THR A 1 7 ? 3.197  -6.866  4.121  0.63 10.29 ? 200 THR C HG21 1 
ATOM 104 H HG22 A THR A 1 7 ? 1.940  -9.412  2.931  0.37 10.29 ? 200 THR C HG22 1 
ATOM 105 H HG22 B THR A 1 7 ? 1.791  -6.176  4.316  0.63 10.29 ? 200 THR C HG22 1 
ATOM 106 H HG23 A THR A 1 7 ? 2.202  -8.885  1.467  0.37 10.29 ? 200 THR C HG23 1 
ATOM 107 H HG23 B THR A 1 7 ? 1.975  -7.704  4.670  0.63 10.29 ? 200 THR C HG23 1 
ATOM 108 N N    . GLN A 1 8 ? -0.774 -9.295  3.148  1.00 2.84  ? 201 GLN C N    1 
ATOM 109 C CA   . GLN A 1 8 ? -1.324 -10.250 4.090  1.00 3.89  ? 201 GLN C CA   1 
ATOM 110 C C    . GLN A 1 8 ? -0.880 -11.657 3.750  1.00 4.90  ? 201 GLN C C    1 
ATOM 111 O O    . GLN A 1 8 ? -0.319 -11.901 2.633  1.00 4.73  ? 201 GLN C O    1 
ATOM 112 C CB   . GLN A 1 8 ? -2.866 -10.192 4.121  1.00 6.00  ? 201 GLN C CB   1 
ATOM 113 C CG   . GLN A 1 8 ? -3.591 -10.610 2.796  1.00 6.13  ? 201 GLN C CG   1 
ATOM 114 C CD   . GLN A 1 8 ? -5.076 -10.212 2.753  1.00 7.41  ? 201 GLN C CD   1 
ATOM 115 O OE1  . GLN A 1 8 ? -5.515 -9.421  3.560  1.00 9.43  ? 201 GLN C OE1  1 
ATOM 116 N NE2  . GLN A 1 8 ? -5.826 -10.730 1.787  1.00 8.32  ? 201 GLN C NE2  1 
ATOM 117 O OXT  . GLN A 1 8 ? -1.069 -12.581 4.550  1.00 5.54  ? 201 GLN C OXT  1 
ATOM 118 H H    . GLN A 1 8 ? -0.671 -9.611  2.355  1.00 3.40  ? 201 GLN C H    1 
ATOM 119 H HA   . GLN A 1 8 ? -1.002 -10.022 4.976  1.00 4.67  ? 201 GLN C HA   1 
ATOM 120 H HB2  . GLN A 1 8 ? -3.178 -10.787 4.820  1.00 7.20  ? 201 GLN C HB2  1 
ATOM 121 H HB3  . GLN A 1 8 ? -3.131 -9.281  4.318  1.00 7.20  ? 201 GLN C HB3  1 
ATOM 122 H HG2  . GLN A 1 8 ? -3.147 -10.182 2.049  1.00 7.36  ? 201 GLN C HG2  1 
ATOM 123 H HG3  . GLN A 1 8 ? -3.540 -11.575 2.704  1.00 7.36  ? 201 GLN C HG3  1 
ATOM 124 H HE21 . GLN A 1 8 ? -5.478 -11.268 1.214  1.00 9.98  ? 201 GLN C HE21 1 
ATOM 125 H HE22 . GLN A 1 8 ? -6.660 -10.527 1.735  1.00 9.98  ? 201 GLN C HE22 1 
# 
loop_
_atom_site_anisotrop.id 
_atom_site_anisotrop.type_symbol 
_atom_site_anisotrop.pdbx_label_atom_id 
_atom_site_anisotrop.pdbx_label_alt_id 
_atom_site_anisotrop.pdbx_label_comp_id 
_atom_site_anisotrop.pdbx_label_asym_id 
_atom_site_anisotrop.pdbx_label_seq_id 
_atom_site_anisotrop.pdbx_PDB_ins_code 
_atom_site_anisotrop.U[1][1] 
_atom_site_anisotrop.U[2][2] 
_atom_site_anisotrop.U[3][3] 
_atom_site_anisotrop.U[1][2] 
_atom_site_anisotrop.U[1][3] 
_atom_site_anisotrop.U[2][3] 
_atom_site_anisotrop.pdbx_auth_seq_id 
_atom_site_anisotrop.pdbx_auth_comp_id 
_atom_site_anisotrop.pdbx_auth_asym_id 
_atom_site_anisotrop.pdbx_auth_atom_id 
1   N N   . GLN A 1 ? 0.0467 0.0534 0.0429 -0.0109 0.0177  0.0166  194 GLN C N   
2   C CA  . GLN A 1 ? 0.0409 0.0345 0.0202 -0.0139 0.0126  -0.0053 194 GLN C CA  
3   C C   . GLN A 1 ? 0.0251 0.0259 0.0102 -0.0083 0.0029  -0.0049 194 GLN C C   
4   O O   . GLN A 1 ? 0.0471 0.0280 0.0396 -0.0181 0.0022  -0.0093 194 GLN C O   
5   C CB  . GLN A 1 ? 0.0338 0.0495 0.0239 -0.0153 -0.0055 0.0043  194 GLN C CB  
6   C CG  . GLN A 1 ? 0.0464 0.0628 0.0405 -0.0062 0.0062  0.0142  194 GLN C CG  
7   C CD  . GLN A 1 ? 0.0417 0.0598 0.0201 -0.0029 -0.0041 -0.0040 194 GLN C CD  
8   O OE1 . GLN A 1 ? 0.0529 0.0567 0.0476 0.0130  -0.0130 -0.0072 194 GLN C OE1 
9   N NE2 . GLN A 1 ? 0.0322 0.0705 0.0355 -0.0152 -0.0034 0.0090  194 GLN C NE2 
17  N N   . ILE A 2 ? 0.0085 0.0198 0.0074 -0.0016 0.0005  -0.0052 195 ILE C N   
18  C CA  . ILE A 2 ? 0.0046 0.0137 0.0093 -0.0004 0.0003  -0.0065 195 ILE C CA  
19  C C   . ILE A 2 ? 0.0026 0.0092 0.0034 -0.0003 0.0001  -0.0024 195 ILE C C   
20  O O   . ILE A 2 ? 0.0039 0.0111 0.0072 0.0010  -0.0008 -0.0050 195 ILE C O   
21  C CB  . ILE A 2 ? 0.0036 0.0124 0.0056 0.0000  0.0000  -0.0042 195 ILE C CB  
22  C CG1 . ILE A 2 ? 0.0104 0.0326 0.0288 -0.0027 -0.0043 0.0057  195 ILE C CG1 
23  C CG2 . ILE A 2 ? 0.0053 0.0202 0.0056 -0.0012 0.0001  -0.0024 195 ILE C CG2 
24  C CD1 . ILE A 2 ? 0.0158 0.0450 0.0389 0.0001  -0.0029 0.0183  195 ILE C CD1 
36  N N   . GLY A 3 ? 0.0113 0.0152 0.0099 -0.0009 0.0024  -0.0066 196 GLY C N   
37  C CA  . GLY A 3 ? 0.0142 0.0149 0.0099 -0.0028 -0.0046 -0.0045 196 GLY C CA  
38  C C   . GLY A 3 ? 0.0094 0.0132 0.0099 0.0004  -0.0010 -0.0066 196 GLY C C   
39  O O   . GLY A 3 ? 0.0198 0.0173 0.0103 -0.0024 -0.0033 -0.0065 196 GLY C O   
43  N N   . LEU A 4 ? 0.0044 0.0134 0.0038 0.0029  -0.0003 -0.0013 197 LEU C N   
44  C CA  . LEU A 4 ? 0.0052 0.0147 0.0053 0.0033  -0.0011 -0.0035 197 LEU C CA  
45  C C   . LEU A 4 ? 0.0058 0.0130 0.0061 0.0038  -0.0018 -0.0042 197 LEU C C   
46  O O   . LEU A 4 ? 0.0174 0.0187 0.0190 0.0064  0.0062  -0.0057 197 LEU C O   
47  C CB  . LEU A 4 ? 0.0084 0.0217 0.0094 0.0047  -0.0025 -0.0045 197 LEU C CB  
48  C CG  . LEU A 4 ? 0.0226 0.0541 0.0630 0.0021  -0.0010 0.0286  197 LEU C CG  
49  C CD1 . LEU A 4 ? 0.0320 0.0771 0.0823 -0.0013 -0.0014 0.0478  197 LEU C CD1 
50  C CD2 . LEU A 4 ? 0.0458 0.0813 0.1341 0.0092  0.0141  0.0585  197 LEU C CD2 
62  N N   . ALA A 5 ? 0.0080 0.0292 0.0101 0.0015  0.0004  0.0069  198 ALA C N   
63  C CA  . ALA A 5 ? 0.0076 0.0152 0.0072 0.0034  -0.0020 -0.0050 198 ALA C CA  
64  C C   . ALA A 5 ? 0.0121 0.0228 0.0128 0.0062  -0.0020 -0.0083 198 ALA C C   
65  O O   . ALA A 5 ? 0.0204 0.0233 0.0106 0.0058  -0.0036 -0.0066 198 ALA C O   
66  C CB  . ALA A 5 ? 0.0164 0.0236 0.0228 0.0105  0.0043  -0.0006 198 ALA C CB  
68  N N   . GLN A 6 ? 0.0064 0.0219 0.0090 0.0015  -0.0006 -0.0065 199 GLN C N   
69  C CA  . GLN A 6 ? 0.0094 0.0286 0.0091 -0.0020 -0.0007 -0.0044 199 GLN C CA  
70  C C   . GLN A 6 ? 0.0064 0.0223 0.0086 -0.0014 0.0005  -0.0062 199 GLN C C   
71  O O   . GLN A 6 ? 0.0099 0.0210 0.0212 -0.0039 0.0039  -0.0124 199 GLN C O   
72  C CB  . GLN A 6 ? 0.0106 0.0395 0.0138 -0.0023 -0.0012 -0.0018 199 GLN C CB  
73  C CG  . GLN A 6 ? 0.0139 0.0456 0.0222 0.0012  -0.0001 -0.0161 199 GLN C CG  
74  C CD  . GLN A 6 ? 0.0172 0.0434 0.0246 0.0093  -0.0056 -0.0174 199 GLN C CD  
75  O OE1 . GLN A 6 ? 0.0195 0.0488 0.0179 0.0067  -0.0023 -0.0122 199 GLN C OE1 
76  N NE2 . GLN A 6 ? 0.0306 0.0566 0.0290 0.0118  -0.0093 -0.0194 199 GLN C NE2 
85  N N   . THR A 7 ? 0.0208 0.0294 0.0137 0.0013  -0.0049 -0.0087 200 THR C N   
86  C CA  A THR A 7 ? 0.0344 0.0276 0.0174 0.0004  -0.0002 -0.0125 200 THR C CA  
87  C CA  B THR A 7 ? 0.0344 0.0276 0.0174 0.0004  -0.0002 -0.0125 200 THR C CA  
88  C C   . THR A 7 ? 0.0348 0.0315 0.0136 -0.0014 -0.0039 -0.0093 200 THR C C   
89  O O   . THR A 7 ? 0.0342 0.0438 0.0135 0.0076  -0.0053 0.0011  200 THR C O   
90  C CB  A THR A 7 ? 0.0428 0.0684 0.1382 -0.0009 0.0086  0.0397  200 THR C CB  
91  C CB  B THR A 7 ? 0.0428 0.0684 0.1382 -0.0009 0.0086  0.0397  200 THR C CB  
92  O OG1 A THR A 7 ? 0.0655 0.0952 0.1875 0.0059  0.0157  0.0700  200 THR C OG1 
93  O OG1 B THR A 7 ? 0.0655 0.0952 0.1875 0.0059  0.0157  0.0700  200 THR C OG1 
94  C CG2 A THR A 7 ? 0.0544 0.0860 0.1853 0.0004  0.0022  0.0635  200 THR C CG2 
95  C CG2 B THR A 7 ? 0.0544 0.0860 0.1853 0.0004  0.0022  0.0635  200 THR C CG2 
108 N N   . GLN A 8 ? 0.0477 0.0476 0.0123 -0.0001 -0.0023 -0.0027 201 GLN C N   
109 C CA  . GLN A 8 ? 0.0727 0.0475 0.0278 -0.0015 -0.0083 -0.0064 201 GLN C CA  
110 C C   . GLN A 8 ? 0.0847 0.0577 0.0439 0.0103  -0.0076 0.0151  201 GLN C C   
111 O O   . GLN A 8 ? 0.0852 0.0488 0.0457 0.0133  -0.0220 0.0107  201 GLN C O   
112 C CB  . GLN A 8 ? 0.0968 0.0651 0.0663 0.0081  0.0179  0.0178  201 GLN C CB  
113 C CG  . GLN A 8 ? 0.1226 0.0647 0.0459 0.0048  0.0111  0.0070  201 GLN C CG  
114 C CD  . GLN A 8 ? 0.1422 0.0705 0.0691 0.0061  0.0119  0.0156  201 GLN C CD  
115 O OE1 . GLN A 8 ? 0.1584 0.0917 0.1083 0.0122  0.0230  0.0473  201 GLN C OE1 
116 N NE2 . GLN A 8 ? 0.1441 0.0749 0.0970 0.0099  0.0120  0.0295  201 GLN C NE2 
117 O OXT . GLN A 8 ? 0.0958 0.0598 0.0551 0.0158  0.0042  0.0210  201 GLN C OXT 
# 
